data_7YKH
#
_entry.id   7YKH
#
_cell.length_a   55.212
_cell.length_b   61.540
_cell.length_c   65.104
_cell.angle_alpha   90.000
_cell.angle_beta   101.790
_cell.angle_gamma   90.000
#
_symmetry.space_group_name_H-M   'P 1 21 1'
#
loop_
_entity.id
_entity.type
_entity.pdbx_description
1 polymer 'Membrane-associated guanylate kinase, WW and PDZ domain-containing protein 2'
2 polymer SAPAP1
3 non-polymer GLYCEROL
4 water water
#
loop_
_entity_poly.entity_id
_entity_poly.type
_entity_poly.pdbx_seq_one_letter_code
_entity_poly.pdbx_strand_id
1 'polypeptide(L)'
;GPGSSHWTSKVHESVIGRNPEGQLGFELKGGAENGQFPYLGEVKPGKVAYESGSKLVSEELLLEVNETPVAGLTIRDVLA
VIKHCKDPLRLKCVKQGGIVDKDLRHYLNLRFQKGSVDHELQQIIRDNLYLRTVPCTTRPHKEGEVPGVDYIFITVEEFM
ELEKSGALLESGTYEDNYYGTPKPPAEPAPLLNVTDQILPGATPSAEGKRKRNKSVTNMEKASIEPPEEEEEER
;
A,C
2 'polypeptide(L)' ARRE(SEP)YLKATQPSL B,D
#
# COMPACT_ATOMS: atom_id res chain seq x y z
N HIS A 6 10.91 4.79 -13.06
CA HIS A 6 10.02 3.64 -13.20
C HIS A 6 10.22 2.64 -12.04
N TRP A 7 9.24 1.75 -11.85
CA TRP A 7 9.29 0.72 -10.79
C TRP A 7 10.46 -0.24 -11.04
N THR A 8 10.68 -0.60 -12.30
CA THR A 8 11.76 -1.52 -12.68
C THR A 8 13.08 -0.82 -13.02
N SER A 9 13.24 0.43 -12.58
CA SER A 9 14.44 1.19 -12.90
C SER A 9 15.70 0.58 -12.31
N LYS A 10 15.67 0.27 -11.01
CA LYS A 10 16.85 -0.22 -10.28
C LYS A 10 17.02 -1.75 -10.27
N VAL A 11 16.28 -2.44 -11.13
CA VAL A 11 16.42 -3.88 -11.25
C VAL A 11 17.84 -4.24 -11.71
N HIS A 12 18.47 -5.17 -10.99
CA HIS A 12 19.81 -5.64 -11.35
C HIS A 12 19.89 -7.16 -11.20
N GLU A 13 20.90 -7.76 -11.83
CA GLU A 13 21.12 -9.19 -11.76
C GLU A 13 22.34 -9.54 -10.92
N SER A 14 22.18 -10.48 -10.01
CA SER A 14 23.28 -10.85 -9.12
C SER A 14 23.48 -12.36 -9.21
N VAL A 15 24.63 -12.76 -9.71
CA VAL A 15 24.91 -14.18 -9.93
C VAL A 15 25.70 -14.74 -8.76
N ILE A 16 25.13 -15.74 -8.11
CA ILE A 16 25.71 -16.33 -6.92
C ILE A 16 25.79 -17.84 -7.06
N GLY A 17 26.38 -18.47 -6.05
CA GLY A 17 26.45 -19.92 -5.99
C GLY A 17 25.99 -20.34 -4.62
N ARG A 18 25.86 -21.64 -4.41
CA ARG A 18 25.47 -22.17 -3.11
C ARG A 18 26.67 -22.17 -2.15
N ASN A 19 26.40 -22.15 -0.85
CA ASN A 19 27.44 -22.33 0.16
C ASN A 19 27.43 -23.78 0.64
N PRO A 20 28.33 -24.13 1.59
CA PRO A 20 28.10 -25.41 2.28
C PRO A 20 26.71 -25.45 2.92
N GLU A 21 26.08 -26.63 2.94
CA GLU A 21 24.68 -26.83 3.35
C GLU A 21 23.67 -26.43 2.26
N GLY A 22 24.18 -26.13 1.06
CA GLY A 22 23.35 -25.87 -0.10
C GLY A 22 22.44 -24.67 0.03
N GLN A 23 22.83 -23.72 0.87
CA GLN A 23 22.02 -22.53 1.14
C GLN A 23 22.53 -21.33 0.33
N LEU A 24 21.84 -20.20 0.45
CA LEU A 24 22.16 -19.02 -0.35
C LEU A 24 22.95 -17.96 0.42
N GLY A 25 23.05 -18.12 1.74
CA GLY A 25 23.73 -17.14 2.56
C GLY A 25 22.78 -16.04 2.96
N PHE A 26 21.52 -16.27 2.65
CA PHE A 26 20.43 -15.43 3.13
C PHE A 26 19.19 -16.29 3.11
N GLU A 27 18.14 -15.83 3.77
CA GLU A 27 16.91 -16.59 3.85
C GLU A 27 15.86 -15.91 2.98
N LEU A 28 14.99 -16.69 2.36
CA LEU A 28 13.88 -16.09 1.64
C LEU A 28 12.72 -15.80 2.59
N LYS A 29 12.24 -14.56 2.58
CA LYS A 29 11.04 -14.20 3.32
C LYS A 29 9.90 -13.82 2.37
N GLY A 30 8.74 -13.51 2.92
CA GLY A 30 7.64 -13.02 2.10
C GLY A 30 6.90 -14.15 1.44
N GLY A 31 6.62 -14.00 0.15
CA GLY A 31 5.86 -15.00 -0.58
C GLY A 31 4.38 -14.65 -0.58
N ALA A 32 3.63 -15.15 -1.55
CA ALA A 32 2.21 -14.77 -1.69
C ALA A 32 1.39 -15.13 -0.47
N GLU A 33 1.81 -16.18 0.23
CA GLU A 33 1.09 -16.62 1.41
C GLU A 33 1.08 -15.56 2.52
N ASN A 34 2.10 -14.70 2.56
CA ASN A 34 2.08 -13.54 3.45
C ASN A 34 1.67 -12.28 2.71
N GLY A 35 1.12 -12.45 1.52
CA GLY A 35 0.69 -11.34 0.69
C GLY A 35 1.84 -10.47 0.26
N GLN A 36 2.98 -11.11 -0.04
CA GLN A 36 4.21 -10.38 -0.29
C GLN A 36 5.05 -10.89 -1.46
N PHE A 37 5.92 -10.01 -1.96
CA PHE A 37 6.97 -10.39 -2.89
C PHE A 37 7.87 -11.36 -2.14
N PRO A 38 8.55 -12.27 -2.86
CA PRO A 38 9.67 -12.93 -2.18
C PRO A 38 10.72 -11.84 -1.95
N TYR A 39 11.30 -11.80 -0.76
CA TYR A 39 12.37 -10.86 -0.51
C TYR A 39 13.47 -11.44 0.38
N LEU A 40 14.64 -10.80 0.35
CA LEU A 40 15.83 -11.34 1.02
C LEU A 40 15.80 -10.97 2.48
N GLY A 41 16.20 -11.90 3.33
CA GLY A 41 16.33 -11.61 4.74
C GLY A 41 17.60 -10.79 4.97
N GLU A 42 18.24 -11.01 6.09
CA GLU A 42 19.51 -10.34 6.35
C GLU A 42 20.60 -10.94 5.47
N VAL A 43 21.15 -10.12 4.59
CA VAL A 43 22.30 -10.55 3.80
C VAL A 43 23.56 -10.22 4.60
N LYS A 44 24.21 -11.25 5.11
CA LYS A 44 25.48 -11.06 5.78
C LYS A 44 26.62 -11.37 4.83
N PRO A 45 27.67 -10.53 4.86
CA PRO A 45 28.82 -10.62 3.95
C PRO A 45 29.50 -11.99 3.88
N GLY A 46 29.76 -12.61 5.02
CA GLY A 46 30.55 -13.84 5.00
C GLY A 46 29.95 -15.03 4.28
N LYS A 47 28.65 -14.95 3.99
CA LYS A 47 27.91 -16.14 3.59
C LYS A 47 27.41 -16.19 2.15
N VAL A 48 27.41 -15.07 1.44
CA VAL A 48 26.99 -15.11 0.04
C VAL A 48 28.14 -15.41 -0.89
N ALA A 49 28.05 -16.53 -1.59
CA ALA A 49 29.10 -16.91 -2.53
C ALA A 49 28.88 -16.21 -3.85
N TYR A 50 29.44 -15.01 -4.02
CA TYR A 50 29.22 -14.24 -5.24
C TYR A 50 30.05 -14.80 -6.37
N GLU A 51 29.50 -14.69 -7.59
CA GLU A 51 30.18 -15.11 -8.83
C GLU A 51 30.43 -13.93 -9.77
N SER A 52 29.35 -13.23 -10.11
CA SER A 52 29.41 -12.08 -11.02
C SER A 52 28.21 -11.15 -10.81
N GLY A 53 28.06 -10.15 -11.69
CA GLY A 53 27.08 -9.12 -11.51
C GLY A 53 27.23 -8.30 -10.24
N SER A 54 26.13 -7.70 -9.81
CA SER A 54 26.09 -6.83 -8.66
C SER A 54 25.92 -7.59 -7.34
N LYS A 55 25.98 -6.85 -6.25
CA LYS A 55 25.94 -7.37 -4.91
C LYS A 55 24.50 -7.40 -4.37
N LEU A 56 24.20 -8.35 -3.49
CA LEU A 56 22.88 -8.41 -2.88
C LEU A 56 22.89 -7.63 -1.58
N VAL A 57 21.87 -6.81 -1.36
CA VAL A 57 21.66 -6.22 -0.03
C VAL A 57 20.37 -6.75 0.58
N SER A 58 20.22 -6.51 1.88
CA SER A 58 19.06 -6.97 2.62
C SER A 58 17.75 -6.38 2.10
N GLU A 59 16.67 -7.15 2.24
CA GLU A 59 15.32 -6.68 1.91
C GLU A 59 15.03 -6.51 0.41
N GLU A 60 15.96 -6.88 -0.45
CA GLU A 60 15.71 -6.77 -1.89
C GLU A 60 14.56 -7.70 -2.28
N LEU A 61 13.75 -7.24 -3.21
CA LEU A 61 12.67 -8.02 -3.77
C LEU A 61 13.24 -9.02 -4.77
N LEU A 62 12.94 -10.30 -4.61
CA LEU A 62 13.33 -11.29 -5.61
C LEU A 62 12.34 -11.35 -6.78
N LEU A 63 12.81 -11.06 -7.99
CA LEU A 63 11.93 -11.04 -9.16
C LEU A 63 12.05 -12.29 -10.02
N GLU A 64 13.28 -12.68 -10.36
CA GLU A 64 13.51 -13.81 -11.26
C GLU A 64 14.66 -14.69 -10.78
N VAL A 65 14.52 -15.98 -10.99
CA VAL A 65 15.60 -16.92 -10.80
C VAL A 65 15.83 -17.61 -12.14
N ASN A 66 17.04 -17.49 -12.66
CA ASN A 66 17.40 -18.01 -13.98
C ASN A 66 16.33 -17.78 -15.04
N GLU A 67 15.90 -16.53 -15.16
CA GLU A 67 14.88 -16.14 -16.14
C GLU A 67 13.47 -16.63 -15.78
N THR A 68 13.31 -17.38 -14.70
CA THR A 68 11.96 -17.75 -14.30
C THR A 68 11.39 -16.73 -13.31
N PRO A 69 10.31 -16.05 -13.70
CA PRO A 69 9.70 -15.07 -12.78
C PRO A 69 9.10 -15.80 -11.57
N VAL A 70 9.36 -15.30 -10.38
CA VAL A 70 8.92 -15.97 -9.16
C VAL A 70 8.12 -15.06 -8.23
N ALA A 71 8.06 -13.77 -8.57
CA ALA A 71 7.24 -12.82 -7.80
C ALA A 71 5.76 -13.14 -8.03
N GLY A 72 5.01 -13.22 -6.94
CA GLY A 72 3.60 -13.59 -7.01
C GLY A 72 3.39 -15.02 -6.53
N LEU A 73 4.48 -15.77 -6.48
CA LEU A 73 4.46 -17.13 -5.97
C LEU A 73 4.64 -17.22 -4.45
N THR A 74 4.37 -18.40 -3.93
CA THR A 74 4.64 -18.79 -2.56
C THR A 74 6.15 -19.01 -2.40
N ILE A 75 6.66 -18.86 -1.18
CA ILE A 75 8.06 -19.19 -0.93
C ILE A 75 8.37 -20.61 -1.39
N ARG A 76 7.49 -21.55 -1.04
CA ARG A 76 7.64 -22.94 -1.45
C ARG A 76 7.91 -23.11 -2.94
N ASP A 77 7.13 -22.45 -3.80
CA ASP A 77 7.38 -22.47 -5.24
C ASP A 77 8.71 -21.80 -5.64
N VAL A 78 9.08 -20.71 -4.97
CA VAL A 78 10.37 -20.06 -5.26
C VAL A 78 11.51 -21.01 -4.93
N LEU A 79 11.44 -21.64 -3.77
CA LEU A 79 12.43 -22.64 -3.41
C LEU A 79 12.50 -23.77 -4.45
N ALA A 80 11.35 -24.13 -5.02
CA ALA A 80 11.26 -25.21 -6.01
C ALA A 80 11.89 -24.84 -7.33
N VAL A 81 11.82 -23.56 -7.71
CA VAL A 81 12.48 -23.12 -8.94
C VAL A 81 13.99 -23.18 -8.76
N ILE A 82 14.44 -22.76 -7.60
CA ILE A 82 15.87 -22.66 -7.28
C ILE A 82 16.51 -24.05 -7.28
N LYS A 83 15.78 -25.01 -6.72
CA LYS A 83 16.28 -26.37 -6.60
C LYS A 83 16.43 -27.04 -7.97
N HIS A 84 15.61 -26.65 -8.94
CA HIS A 84 15.74 -27.18 -10.30
C HIS A 84 16.62 -26.28 -11.18
N CYS A 85 17.45 -25.48 -10.52
CA CYS A 85 18.38 -24.63 -11.23
C CYS A 85 19.78 -25.00 -10.79
N LYS A 86 20.62 -25.38 -11.76
CA LYS A 86 22.02 -25.65 -11.46
C LYS A 86 22.76 -24.31 -11.30
N ASP A 87 23.87 -24.35 -10.57
CA ASP A 87 24.71 -23.17 -10.39
C ASP A 87 25.40 -22.76 -11.69
N PRO A 88 25.66 -21.44 -11.84
CA PRO A 88 25.32 -20.41 -10.85
C PRO A 88 23.88 -19.87 -10.97
N LEU A 89 23.28 -19.51 -9.84
CA LEU A 89 21.95 -18.89 -9.82
C LEU A 89 21.96 -17.42 -10.25
N ARG A 90 21.20 -17.09 -11.30
CA ARG A 90 21.07 -15.73 -11.79
C ARG A 90 19.81 -15.07 -11.25
N LEU A 91 20.02 -14.16 -10.29
CA LEU A 91 18.95 -13.54 -9.55
C LEU A 91 18.68 -12.12 -10.01
N LYS A 92 17.49 -11.86 -10.53
CA LYS A 92 17.06 -10.49 -10.76
C LYS A 92 16.35 -9.98 -9.52
N CYS A 93 16.87 -8.90 -8.96
CA CYS A 93 16.35 -8.29 -7.74
C CYS A 93 16.19 -6.77 -7.89
N VAL A 94 15.51 -6.15 -6.93
CA VAL A 94 15.37 -4.69 -6.89
C VAL A 94 15.24 -4.27 -5.43
N LYS A 95 15.94 -3.19 -5.08
CA LYS A 95 15.88 -2.67 -3.71
C LYS A 95 14.46 -2.15 -3.40
N GLN A 96 14.03 -2.33 -2.15
CA GLN A 96 12.85 -1.64 -1.67
C GLN A 96 13.20 -0.16 -1.44
N GLY A 97 12.20 0.70 -1.50
CA GLY A 97 12.43 2.11 -1.30
C GLY A 97 11.64 2.88 -2.33
N GLY A 98 11.04 3.99 -1.92
CA GLY A 98 10.23 4.79 -2.82
C GLY A 98 8.94 4.08 -3.12
N ILE A 99 8.65 3.90 -4.40
CA ILE A 99 7.45 3.19 -4.81
C ILE A 99 7.65 1.67 -4.93
N VAL A 100 8.85 1.19 -4.62
CA VAL A 100 9.14 -0.23 -4.67
C VAL A 100 9.03 -0.85 -3.29
N ASP A 101 8.03 -1.70 -3.12
CA ASP A 101 7.71 -2.28 -1.81
C ASP A 101 7.26 -3.74 -1.92
N LYS A 102 7.48 -4.49 -0.86
CA LYS A 102 7.23 -5.94 -0.83
C LYS A 102 5.77 -6.34 -0.71
N ASP A 103 4.89 -5.35 -0.55
CA ASP A 103 3.46 -5.61 -0.35
C ASP A 103 2.75 -5.85 -1.66
N LEU A 104 2.26 -7.07 -1.83
CA LEU A 104 1.70 -7.52 -3.10
C LEU A 104 0.32 -6.90 -3.41
N ARG A 105 -0.52 -6.82 -2.37
CA ARG A 105 -1.84 -6.14 -2.46
C ARG A 105 -1.69 -4.74 -3.05
N HIS A 106 -0.78 -3.95 -2.46
CA HIS A 106 -0.53 -2.59 -2.92
C HIS A 106 0.09 -2.53 -4.29
N TYR A 107 1.06 -3.41 -4.54
CA TYR A 107 1.69 -3.49 -5.84
C TYR A 107 0.67 -3.72 -6.94
N LEU A 108 -0.30 -4.59 -6.67
CA LEU A 108 -1.33 -4.89 -7.65
C LEU A 108 -2.38 -3.77 -7.83
N ASN A 109 -2.46 -2.85 -6.86
CA ASN A 109 -3.27 -1.63 -7.01
C ASN A 109 -2.61 -0.54 -7.86
N LEU A 110 -1.28 -0.55 -7.94
CA LEU A 110 -0.56 0.41 -8.78
C LEU A 110 -1.09 0.38 -10.21
N ARG A 111 -1.02 1.51 -10.89
CA ARG A 111 -1.49 1.59 -12.28
C ARG A 111 -0.40 2.21 -13.17
N PHE A 112 0.28 1.35 -13.93
CA PHE A 112 1.32 1.75 -14.86
C PHE A 112 0.77 1.93 -16.28
N GLN A 113 1.53 2.63 -17.10
CA GLN A 113 1.15 2.85 -18.49
C GLN A 113 1.05 1.51 -19.19
N LYS A 114 0.02 1.31 -20.01
CA LYS A 114 -0.02 0.12 -20.84
C LYS A 114 1.23 0.15 -21.73
N GLY A 115 1.82 -1.02 -21.98
CA GLY A 115 3.00 -1.11 -22.81
C GLY A 115 4.32 -0.94 -22.07
N SER A 116 4.22 -0.43 -20.85
CA SER A 116 5.37 -0.20 -19.97
C SER A 116 5.98 -1.54 -19.49
N VAL A 117 7.30 -1.56 -19.30
CA VAL A 117 7.99 -2.70 -18.71
C VAL A 117 7.43 -3.01 -17.31
N ASP A 118 7.14 -1.95 -16.53
CA ASP A 118 6.46 -2.08 -15.24
C ASP A 118 5.07 -2.77 -15.40
N HIS A 119 4.34 -2.42 -16.46
CA HIS A 119 3.02 -3.01 -16.67
C HIS A 119 3.16 -4.47 -17.06
N GLU A 120 4.08 -4.74 -17.98
CA GLU A 120 4.33 -6.11 -18.45
C GLU A 120 4.67 -7.01 -17.28
N LEU A 121 5.58 -6.52 -16.42
CA LEU A 121 5.99 -7.24 -15.23
C LEU A 121 4.83 -7.44 -14.24
N GLN A 122 4.01 -6.41 -14.06
CA GLN A 122 2.89 -6.50 -13.13
C GLN A 122 1.92 -7.61 -13.53
N GLN A 123 1.72 -7.77 -14.83
CA GLN A 123 0.85 -8.79 -15.38
C GLN A 123 1.40 -10.19 -15.16
N ILE A 124 2.72 -10.32 -15.24
CA ILE A 124 3.40 -11.60 -15.03
C ILE A 124 3.28 -11.99 -13.58
N ILE A 125 3.40 -11.00 -12.70
CA ILE A 125 3.29 -11.22 -11.26
C ILE A 125 1.85 -11.55 -10.88
N ARG A 126 0.88 -10.88 -11.51
CA ARG A 126 -0.55 -11.21 -11.27
C ARG A 126 -0.85 -12.66 -11.69
N ASP A 127 -0.40 -13.06 -12.88
CA ASP A 127 -0.64 -14.44 -13.36
C ASP A 127 0.00 -15.48 -12.45
N ASN A 128 1.18 -15.18 -11.92
CA ASN A 128 1.80 -16.08 -10.97
C ASN A 128 0.90 -16.25 -9.76
N LEU A 129 0.44 -15.13 -9.20
CA LEU A 129 -0.48 -15.15 -8.08
C LEU A 129 -1.73 -16.00 -8.39
N TYR A 130 -2.31 -15.78 -9.57
CA TYR A 130 -3.55 -16.49 -9.99
C TYR A 130 -3.31 -18.00 -10.15
N LEU A 131 -2.10 -18.43 -10.51
CA LEU A 131 -1.76 -19.86 -10.64
C LEU A 131 -1.85 -20.61 -9.33
N ARG A 132 -1.70 -19.88 -8.23
CA ARG A 132 -1.63 -20.55 -6.94
C ARG A 132 -2.85 -20.33 -6.05
N THR A 133 -3.84 -19.62 -6.56
CA THR A 133 -4.99 -19.25 -5.75
C THR A 133 -6.34 -19.49 -6.43
N VAL A 134 -7.35 -19.69 -5.61
CA VAL A 134 -8.72 -19.75 -6.11
C VAL A 134 -9.44 -18.50 -5.67
N PRO A 135 -10.07 -17.81 -6.61
CA PRO A 135 -10.76 -16.58 -6.19
C PRO A 135 -11.99 -16.91 -5.33
N CYS A 136 -12.46 -15.93 -4.57
CA CYS A 136 -13.69 -16.09 -3.79
C CYS A 136 -14.74 -15.08 -4.26
N THR A 137 -16.01 -15.47 -4.14
CA THR A 137 -17.12 -14.61 -4.55
C THR A 137 -18.35 -14.84 -3.67
N THR A 138 -19.28 -13.89 -3.75
CA THR A 138 -20.50 -13.93 -2.96
C THR A 138 -21.70 -14.22 -3.87
N ARG A 139 -21.43 -14.19 -5.18
CA ARG A 139 -22.46 -14.46 -6.19
C ARG A 139 -22.77 -15.96 -6.18
N PRO A 140 -24.02 -16.36 -6.45
CA PRO A 140 -24.39 -17.78 -6.37
C PRO A 140 -23.62 -18.67 -7.34
N HIS A 141 -23.32 -19.89 -6.89
CA HIS A 141 -22.84 -20.97 -7.74
C HIS A 141 -23.62 -21.07 -9.06
N LYS A 142 -22.91 -20.95 -10.17
CA LYS A 142 -23.57 -21.12 -11.49
C LYS A 142 -23.29 -22.54 -11.98
N GLU A 143 -24.18 -23.08 -12.80
CA GLU A 143 -24.01 -24.43 -13.30
C GLU A 143 -22.74 -24.51 -14.13
N GLY A 144 -22.02 -25.61 -13.95
CA GLY A 144 -20.76 -25.84 -14.63
C GLY A 144 -19.54 -25.67 -13.73
N GLU A 145 -19.77 -25.04 -12.58
CA GLU A 145 -18.68 -24.61 -11.71
C GLU A 145 -18.41 -25.59 -10.59
N VAL A 146 -17.12 -25.88 -10.37
CA VAL A 146 -16.72 -26.69 -9.24
C VAL A 146 -16.31 -25.77 -8.08
N PRO A 147 -17.06 -25.78 -6.96
CA PRO A 147 -16.69 -25.01 -5.77
C PRO A 147 -15.31 -25.42 -5.25
N GLY A 148 -14.46 -24.43 -4.95
CA GLY A 148 -13.11 -24.72 -4.49
C GLY A 148 -12.08 -24.84 -5.59
N VAL A 149 -12.52 -24.70 -6.84
CA VAL A 149 -11.60 -24.74 -7.99
C VAL A 149 -11.80 -23.50 -8.86
N ASP A 150 -13.05 -23.23 -9.22
CA ASP A 150 -13.38 -22.04 -9.97
C ASP A 150 -13.56 -20.85 -9.01
N TYR A 151 -14.21 -21.15 -7.88
CA TYR A 151 -14.44 -20.11 -6.87
C TYR A 151 -14.79 -20.70 -5.52
N ILE A 152 -14.23 -20.14 -4.45
CA ILE A 152 -14.70 -20.41 -3.11
C ILE A 152 -15.95 -19.54 -2.98
N PHE A 153 -17.12 -20.17 -2.88
CA PHE A 153 -18.38 -19.45 -2.76
C PHE A 153 -18.66 -19.18 -1.30
N ILE A 154 -18.65 -17.89 -0.92
CA ILE A 154 -18.87 -17.49 0.48
C ILE A 154 -19.98 -16.46 0.67
N THR A 155 -20.39 -16.28 1.94
CA THR A 155 -21.35 -15.24 2.32
C THR A 155 -20.70 -13.83 2.30
N VAL A 156 -21.50 -12.78 2.31
CA VAL A 156 -20.96 -11.42 2.33
C VAL A 156 -20.26 -11.14 3.67
N GLU A 157 -20.85 -11.64 4.75
CA GLU A 157 -20.27 -11.51 6.07
C GLU A 157 -18.87 -12.13 6.12
N GLU A 158 -18.70 -13.26 5.42
CA GLU A 158 -17.40 -13.91 5.34
C GLU A 158 -16.41 -13.11 4.50
N PHE A 159 -16.87 -12.63 3.35
CA PHE A 159 -16.04 -11.82 2.46
C PHE A 159 -15.58 -10.59 3.23
N MET A 160 -16.52 -9.93 3.88
CA MET A 160 -16.22 -8.77 4.70
C MET A 160 -15.21 -9.11 5.79
N GLU A 161 -15.33 -10.29 6.37
CA GLU A 161 -14.40 -10.71 7.42
C GLU A 161 -13.00 -11.10 6.91
N LEU A 162 -12.92 -11.67 5.71
CA LEU A 162 -11.61 -11.90 5.07
C LEU A 162 -10.97 -10.56 4.79
N GLU A 163 -11.80 -9.62 4.33
CA GLU A 163 -11.38 -8.27 3.96
C GLU A 163 -10.73 -7.52 5.11
N LYS A 164 -11.51 -7.29 6.16
CA LYS A 164 -11.04 -6.63 7.36
C LYS A 164 -9.80 -7.31 7.94
N SER A 165 -9.70 -8.62 7.76
CA SER A 165 -8.57 -9.35 8.33
C SER A 165 -7.30 -9.25 7.48
N GLY A 166 -7.38 -8.59 6.33
CA GLY A 166 -6.26 -8.55 5.42
C GLY A 166 -5.94 -9.85 4.68
N ALA A 167 -6.92 -10.74 4.54
CA ALA A 167 -6.71 -12.03 3.86
C ALA A 167 -6.68 -11.87 2.35
N LEU A 168 -7.30 -10.80 1.86
CA LEU A 168 -7.45 -10.58 0.44
C LEU A 168 -6.35 -9.71 -0.18
N LEU A 169 -5.84 -10.14 -1.33
CA LEU A 169 -4.85 -9.39 -2.10
C LEU A 169 -5.50 -8.58 -3.23
N GLU A 170 -6.68 -9.01 -3.65
CA GLU A 170 -7.49 -8.26 -4.64
C GLU A 170 -8.93 -8.34 -4.14
N SER A 171 -9.76 -7.35 -4.46
CA SER A 171 -11.16 -7.30 -4.03
C SER A 171 -11.93 -6.28 -4.83
N GLY A 172 -13.24 -6.35 -4.76
CA GLY A 172 -14.08 -5.48 -5.56
C GLY A 172 -15.46 -6.08 -5.81
N THR A 173 -16.36 -5.25 -6.30
CA THR A 173 -17.71 -5.68 -6.64
C THR A 173 -17.91 -5.53 -8.14
N TYR A 174 -18.76 -6.37 -8.73
CA TYR A 174 -19.05 -6.25 -10.18
C TYR A 174 -20.53 -5.98 -10.38
N GLU A 175 -21.39 -6.92 -9.97
CA GLU A 175 -22.83 -6.66 -10.09
C GLU A 175 -23.54 -6.99 -8.80
N ASP A 176 -23.41 -6.09 -7.83
CA ASP A 176 -23.95 -6.25 -6.49
C ASP A 176 -23.36 -7.45 -5.73
N ASN A 177 -22.23 -7.94 -6.21
CA ASN A 177 -21.55 -9.04 -5.54
C ASN A 177 -20.05 -8.83 -5.42
N TYR A 178 -19.49 -9.34 -4.33
CA TYR A 178 -18.07 -9.21 -4.04
C TYR A 178 -17.21 -10.31 -4.69
N TYR A 179 -16.02 -9.91 -5.15
CA TYR A 179 -15.03 -10.83 -5.76
C TYR A 179 -13.65 -10.47 -5.21
N GLY A 180 -12.83 -11.43 -4.80
CA GLY A 180 -11.49 -11.22 -4.27
C GLY A 180 -10.57 -12.42 -4.43
N THR A 181 -9.28 -12.20 -4.17
CA THR A 181 -8.33 -13.30 -4.15
C THR A 181 -7.70 -13.42 -2.76
N PRO A 182 -7.97 -14.51 -2.06
CA PRO A 182 -7.33 -14.71 -0.75
C PRO A 182 -5.86 -15.13 -0.92
N LYS A 183 -5.06 -14.90 0.12
CA LYS A 183 -3.67 -15.36 0.14
C LYS A 183 -3.64 -16.89 0.03
N PRO A 184 -2.78 -17.42 -0.84
CA PRO A 184 -2.63 -18.89 -0.90
C PRO A 184 -2.10 -19.39 0.45
N PRO A 185 -2.36 -20.66 0.77
CA PRO A 185 -1.76 -21.16 2.01
C PRO A 185 -0.27 -21.47 1.81
N ALA A 186 0.53 -21.37 2.85
CA ALA A 186 1.91 -21.87 2.79
C ALA A 186 1.80 -23.39 2.80
N GLU A 187 2.57 -24.06 1.96
CA GLU A 187 2.37 -25.50 1.78
C GLU A 187 3.67 -26.29 1.97
N ALA B 1 -7.69 -19.21 -16.47
CA ALA B 1 -7.47 -17.81 -16.11
C ALA B 1 -8.71 -17.21 -15.45
N ARG B 2 -8.57 -16.00 -14.94
CA ARG B 2 -9.70 -15.35 -14.22
C ARG B 2 -10.78 -14.89 -15.19
N ARG B 3 -12.03 -14.90 -14.73
CA ARG B 3 -13.19 -14.52 -15.59
C ARG B 3 -13.38 -13.01 -15.63
N GLU B 4 -14.07 -12.53 -16.66
CA GLU B 4 -14.29 -11.08 -16.85
C GLU B 4 -14.98 -10.46 -15.65
N TYR B 6 -14.68 -11.21 -12.53
CA TYR B 6 -13.68 -11.00 -11.45
C TYR B 6 -12.83 -9.78 -11.80
N LEU B 7 -12.37 -9.70 -13.04
CA LEU B 7 -11.48 -8.61 -13.48
C LEU B 7 -12.23 -7.27 -13.48
N LYS B 8 -13.47 -7.25 -13.95
CA LYS B 8 -14.28 -6.01 -13.92
C LYS B 8 -14.47 -5.54 -12.48
N ALA B 9 -14.39 -6.47 -11.52
CA ALA B 9 -14.61 -6.12 -10.10
C ALA B 9 -13.30 -5.73 -9.43
N THR B 10 -12.19 -6.40 -9.77
CA THR B 10 -10.91 -6.19 -9.05
C THR B 10 -9.98 -5.21 -9.75
N GLN B 11 -10.13 -5.02 -11.05
CA GLN B 11 -9.18 -4.16 -11.80
C GLN B 11 -9.84 -2.88 -12.28
N PRO B 12 -9.11 -1.74 -12.25
CA PRO B 12 -9.63 -0.48 -12.78
C PRO B 12 -9.81 -0.52 -14.30
N SER B 13 -10.92 0.04 -14.79
CA SER B 13 -11.19 0.09 -16.25
C SER B 13 -11.12 1.55 -16.74
N HIS C 6 -13.45 6.12 -8.79
CA HIS C 6 -13.38 4.75 -8.32
C HIS C 6 -13.02 4.64 -6.83
N TRP C 7 -11.90 5.25 -6.43
CA TRP C 7 -11.48 5.26 -5.01
C TRP C 7 -12.56 5.95 -4.21
N THR C 8 -13.11 7.02 -4.78
CA THR C 8 -14.25 7.71 -4.21
C THR C 8 -15.60 7.16 -4.74
N SER C 9 -15.70 5.85 -4.94
CA SER C 9 -16.97 5.26 -5.40
C SER C 9 -18.02 5.28 -4.31
N LYS C 10 -17.67 4.77 -3.13
CA LYS C 10 -18.65 4.58 -2.05
C LYS C 10 -18.64 5.69 -0.99
N VAL C 11 -18.08 6.85 -1.33
CA VAL C 11 -18.09 8.00 -0.43
C VAL C 11 -19.53 8.42 -0.10
N HIS C 12 -19.81 8.74 1.17
CA HIS C 12 -21.15 9.16 1.58
C HIS C 12 -21.10 10.22 2.67
N GLU C 13 -22.22 10.89 2.93
CA GLU C 13 -22.29 11.93 3.97
C GLU C 13 -23.13 11.45 5.12
N SER C 14 -22.67 11.72 6.33
CA SER C 14 -23.39 11.28 7.52
C SER C 14 -23.43 12.42 8.50
N VAL C 15 -24.64 12.88 8.79
CA VAL C 15 -24.83 14.04 9.63
C VAL C 15 -25.19 13.64 11.06
N ILE C 16 -24.40 14.13 12.01
CA ILE C 16 -24.55 13.77 13.42
C ILE C 16 -24.48 15.02 14.26
N GLY C 17 -24.76 14.86 15.56
CA GLY C 17 -24.55 15.91 16.53
C GLY C 17 -23.74 15.32 17.66
N ARG C 18 -23.38 16.14 18.64
CA ARG C 18 -22.61 15.64 19.79
C ARG C 18 -23.48 14.82 20.77
N ASN C 19 -22.83 13.91 21.49
CA ASN C 19 -23.50 13.00 22.42
C ASN C 19 -23.32 13.47 23.89
N PRO C 20 -23.70 12.65 24.89
CA PRO C 20 -23.31 12.96 26.28
C PRO C 20 -21.80 13.22 26.49
N GLU C 21 -21.48 14.30 27.21
CA GLU C 21 -20.11 14.83 27.37
C GLU C 21 -19.57 15.49 26.10
N GLY C 22 -20.50 15.98 25.26
CA GLY C 22 -20.16 16.68 24.04
C GLY C 22 -19.19 15.98 23.10
N GLN C 23 -19.09 14.66 23.22
CA GLN C 23 -18.20 13.84 22.40
C GLN C 23 -18.95 13.32 21.15
N LEU C 24 -18.27 12.53 20.33
CA LEU C 24 -18.82 12.10 19.04
C LEU C 24 -19.53 10.75 19.10
N GLY C 25 -19.22 9.95 20.11
CA GLY C 25 -19.79 8.62 20.23
C GLY C 25 -18.87 7.58 19.61
N PHE C 26 -17.70 8.03 19.20
CA PHE C 26 -16.65 7.16 18.69
C PHE C 26 -15.32 7.87 18.79
N GLU C 27 -14.24 7.14 18.53
CA GLU C 27 -12.92 7.69 18.64
C GLU C 27 -12.28 7.82 17.26
N LEU C 28 -11.56 8.91 17.05
CA LEU C 28 -10.72 9.03 15.87
C LEU C 28 -9.44 8.25 16.02
N LYS C 29 -9.09 7.48 14.99
CA LYS C 29 -7.85 6.74 14.96
C LYS C 29 -7.06 7.15 13.71
N GLY C 30 -5.79 6.74 13.65
CA GLY C 30 -4.99 7.04 12.49
C GLY C 30 -4.44 8.45 12.58
N GLY C 31 -4.64 9.23 11.52
CA GLY C 31 -4.04 10.55 11.44
C GLY C 31 -2.65 10.44 10.85
N ALA C 32 -2.16 11.54 10.28
CA ALA C 32 -0.86 11.55 9.59
C ALA C 32 0.31 11.09 10.45
N GLU C 33 0.22 11.29 11.76
CA GLU C 33 1.34 10.94 12.64
C GLU C 33 1.59 9.43 12.67
N ASN C 34 0.56 8.64 12.38
CA ASN C 34 0.71 7.20 12.17
C ASN C 34 0.72 6.89 10.69
N GLY C 35 0.97 7.91 9.88
CA GLY C 35 1.05 7.76 8.44
C GLY C 35 -0.24 7.24 7.87
N GLN C 36 -1.35 7.74 8.39
CA GLN C 36 -2.66 7.18 8.09
C GLN C 36 -3.76 8.21 7.87
N PHE C 37 -4.80 7.79 7.15
CA PHE C 37 -6.05 8.57 7.11
C PHE C 37 -6.57 8.76 8.53
N PRO C 38 -7.30 9.86 8.78
CA PRO C 38 -8.13 9.76 9.98
C PRO C 38 -9.18 8.67 9.70
N TYR C 39 -9.46 7.81 10.66
CA TYR C 39 -10.55 6.85 10.51
C TYR C 39 -11.26 6.55 11.84
N LEU C 40 -12.51 6.08 11.74
CA LEU C 40 -13.36 5.86 12.92
C LEU C 40 -12.98 4.58 13.65
N GLY C 41 -12.97 4.66 14.98
CA GLY C 41 -12.80 3.49 15.80
C GLY C 41 -14.09 2.68 15.87
N GLU C 42 -14.38 2.14 17.04
CA GLU C 42 -15.58 1.32 17.19
C GLU C 42 -16.82 2.20 17.27
N VAL C 43 -17.65 2.15 16.24
CA VAL C 43 -18.91 2.86 16.30
C VAL C 43 -19.95 1.91 16.85
N LYS C 44 -20.24 2.04 18.14
CA LYS C 44 -21.30 1.25 18.76
C LYS C 44 -22.64 1.97 18.60
N PRO C 45 -23.71 1.19 18.34
CA PRO C 45 -25.06 1.75 18.15
C PRO C 45 -25.58 2.51 19.37
N GLY C 46 -26.21 3.66 19.12
CA GLY C 46 -26.80 4.46 20.18
C GLY C 46 -25.83 5.46 20.77
N LYS C 47 -24.55 5.21 20.56
CA LYS C 47 -23.50 6.11 21.02
C LYS C 47 -23.51 7.36 20.16
N VAL C 48 -23.71 7.17 18.86
CA VAL C 48 -23.71 8.26 17.90
C VAL C 48 -25.08 8.91 17.76
N ALA C 49 -25.15 10.21 18.06
CA ALA C 49 -26.38 10.96 17.95
C ALA C 49 -26.67 11.27 16.48
N TYR C 50 -27.28 10.31 15.80
N TYR C 50 -27.26 10.31 15.78
CA TYR C 50 -27.63 10.42 14.39
CA TYR C 50 -27.52 10.50 14.36
C TYR C 50 -28.60 11.59 14.11
C TYR C 50 -28.57 11.59 14.11
N GLU C 51 -28.37 12.31 13.02
CA GLU C 51 -29.30 13.36 12.60
C GLU C 51 -29.95 13.02 11.26
N SER C 52 -29.12 12.77 10.25
CA SER C 52 -29.62 12.51 8.90
C SER C 52 -28.51 11.91 8.05
N GLY C 53 -28.79 11.77 6.75
CA GLY C 53 -27.91 11.07 5.85
C GLY C 53 -27.81 9.62 6.26
N SER C 54 -26.69 8.99 5.93
CA SER C 54 -26.47 7.58 6.23
C SER C 54 -25.79 7.36 7.58
N LYS C 55 -25.65 6.09 7.96
CA LYS C 55 -25.16 5.73 9.28
C LYS C 55 -23.65 5.56 9.24
N LEU C 56 -22.98 5.78 10.37
CA LEU C 56 -21.54 5.54 10.45
C LEU C 56 -21.24 4.08 10.83
N VAL C 57 -20.29 3.47 10.13
CA VAL C 57 -19.77 2.17 10.57
C VAL C 57 -18.30 2.27 10.94
N SER C 58 -17.82 1.24 11.65
CA SER C 58 -16.47 1.22 12.18
C SER C 58 -15.42 1.12 11.07
N GLU C 59 -14.25 1.72 11.33
CA GLU C 59 -13.12 1.67 10.41
C GLU C 59 -13.30 2.52 9.15
N GLU C 60 -14.38 3.29 9.05
CA GLU C 60 -14.53 4.18 7.91
C GLU C 60 -13.51 5.29 7.90
N LEU C 61 -13.01 5.61 6.72
CA LEU C 61 -12.07 6.71 6.51
C LEU C 61 -12.82 8.05 6.60
N LEU C 62 -12.39 8.90 7.52
CA LEU C 62 -12.90 10.28 7.57
C LEU C 62 -12.24 11.14 6.50
N LEU C 63 -13.03 11.76 5.64
CA LEU C 63 -12.50 12.55 4.54
C LEU C 63 -12.73 14.05 4.71
N GLU C 64 -13.95 14.44 5.10
CA GLU C 64 -14.25 15.85 5.32
C GLU C 64 -15.13 16.10 6.54
N VAL C 65 -14.92 17.25 7.16
CA VAL C 65 -15.73 17.66 8.29
C VAL C 65 -16.32 19.03 7.97
N ASN C 66 -17.65 19.05 7.85
CA ASN C 66 -18.39 20.22 7.38
C ASN C 66 -17.76 20.89 6.17
N GLU C 67 -17.39 20.10 5.16
CA GLU C 67 -16.70 20.62 3.96
C GLU C 67 -15.22 21.06 4.13
N THR C 68 -14.64 20.83 5.31
CA THR C 68 -13.20 20.99 5.45
C THR C 68 -12.54 19.62 5.29
N PRO C 69 -11.73 19.43 4.22
CA PRO C 69 -11.02 18.15 4.04
C PRO C 69 -10.06 17.93 5.23
N VAL C 70 -10.06 16.73 5.81
CA VAL C 70 -9.21 16.47 6.95
C VAL C 70 -8.26 15.29 6.75
N ALA C 71 -8.38 14.61 5.61
CA ALA C 71 -7.46 13.54 5.29
C ALA C 71 -6.10 14.14 4.97
N GLY C 72 -5.05 13.57 5.54
CA GLY C 72 -3.72 14.13 5.42
C GLY C 72 -3.33 14.84 6.70
N LEU C 73 -4.31 15.13 7.54
CA LEU C 73 -4.04 15.78 8.83
C LEU C 73 -3.70 14.80 9.97
N THR C 74 -3.13 15.33 11.04
CA THR C 74 -2.97 14.63 12.30
C THR C 74 -4.34 14.60 12.98
N ILE C 75 -4.58 13.62 13.85
CA ILE C 75 -5.81 13.57 14.62
C ILE C 75 -6.09 14.92 15.31
N ARG C 76 -5.07 15.46 15.97
CA ARG C 76 -5.18 16.71 16.68
C ARG C 76 -5.79 17.83 15.84
N ASP C 77 -5.30 17.99 14.62
CA ASP C 77 -5.88 18.97 13.71
C ASP C 77 -7.32 18.65 13.33
N VAL C 78 -7.62 17.36 13.15
CA VAL C 78 -8.98 16.92 12.85
C VAL C 78 -9.94 17.24 14.01
N LEU C 79 -9.51 16.95 15.24
CA LEU C 79 -10.31 17.27 16.41
C LEU C 79 -10.49 18.78 16.51
N ALA C 80 -9.48 19.52 16.08
CA ALA C 80 -9.53 20.98 16.10
C ALA C 80 -10.47 21.57 15.05
N VAL C 81 -10.64 20.88 13.92
CA VAL C 81 -11.56 21.36 12.89
C VAL C 81 -12.97 21.15 13.41
N ILE C 82 -13.19 19.97 13.97
CA ILE C 82 -14.47 19.56 14.52
C ILE C 82 -14.92 20.49 15.63
N LYS C 83 -14.00 20.85 16.52
CA LYS C 83 -14.29 21.74 17.64
C LYS C 83 -14.73 23.15 17.20
N HIS C 84 -14.23 23.62 16.06
CA HIS C 84 -14.66 24.93 15.54
C HIS C 84 -15.80 24.81 14.52
N CYS C 85 -16.47 23.66 14.55
CA CYS C 85 -17.61 23.44 13.68
C CYS C 85 -18.86 23.31 14.56
N LYS C 86 -19.91 24.06 14.24
CA LYS C 86 -21.12 23.96 15.04
C LYS C 86 -21.99 22.84 14.48
N ASP C 87 -22.72 22.17 15.37
CA ASP C 87 -23.69 21.16 14.98
C ASP C 87 -24.71 21.74 13.99
N PRO C 88 -25.17 20.92 13.02
CA PRO C 88 -24.84 19.50 12.81
C PRO C 88 -23.51 19.28 12.06
N LEU C 89 -22.71 18.33 12.53
CA LEU C 89 -21.48 17.91 11.82
C LEU C 89 -21.77 17.09 10.56
N ARG C 90 -21.39 17.62 9.40
CA ARG C 90 -21.46 16.85 8.16
C ARG C 90 -20.14 16.14 7.90
N LEU C 91 -20.14 14.83 8.10
CA LEU C 91 -18.94 14.02 7.91
C LEU C 91 -19.01 13.26 6.57
N LYS C 92 -18.04 13.47 5.68
CA LYS C 92 -17.91 12.63 4.51
C LYS C 92 -16.94 11.50 4.83
N CYS C 93 -17.37 10.28 4.58
CA CYS C 93 -16.57 9.09 4.86
C CYS C 93 -16.64 8.07 3.74
N VAL C 94 -15.82 7.03 3.86
CA VAL C 94 -15.84 5.94 2.89
C VAL C 94 -15.35 4.71 3.62
N LYS C 95 -16.03 3.58 3.40
CA LYS C 95 -15.56 2.31 3.94
C LYS C 95 -14.17 1.96 3.41
N GLN C 96 -13.43 1.17 4.19
CA GLN C 96 -12.20 0.57 3.66
C GLN C 96 -12.52 -0.68 2.86
N GLY C 97 -11.78 -0.89 1.78
CA GLY C 97 -11.93 -2.06 0.94
C GLY C 97 -11.28 -1.78 -0.40
N GLY C 98 -10.56 -2.76 -0.94
CA GLY C 98 -9.99 -2.62 -2.27
C GLY C 98 -8.80 -1.66 -2.29
N ILE C 99 -8.81 -0.71 -3.22
CA ILE C 99 -7.77 0.31 -3.27
C ILE C 99 -8.01 1.39 -2.22
N VAL C 100 -9.04 1.20 -1.39
CA VAL C 100 -9.37 2.18 -0.36
C VAL C 100 -8.84 1.75 1.01
N ASP C 101 -7.64 2.21 1.35
CA ASP C 101 -7.01 1.81 2.60
C ASP C 101 -6.54 3.03 3.41
N LYS C 102 -6.44 2.83 4.73
CA LYS C 102 -6.05 3.89 5.65
C LYS C 102 -4.57 4.30 5.55
N ASP C 103 -3.76 3.57 4.78
CA ASP C 103 -2.32 3.85 4.69
C ASP C 103 -2.00 5.01 3.75
N LEU C 104 -1.44 6.06 4.29
CA LEU C 104 -1.25 7.31 3.54
C LEU C 104 -0.18 7.17 2.48
N ARG C 105 0.94 6.52 2.84
CA ARG C 105 2.02 6.21 1.92
C ARG C 105 1.52 5.52 0.64
N HIS C 106 0.88 4.37 0.79
CA HIS C 106 0.29 3.64 -0.33
C HIS C 106 -0.68 4.49 -1.15
N TYR C 107 -1.54 5.25 -0.46
CA TYR C 107 -2.47 6.15 -1.16
C TYR C 107 -1.74 7.15 -2.07
N LEU C 108 -0.69 7.79 -1.55
CA LEU C 108 0.05 8.78 -2.32
C LEU C 108 0.83 8.21 -3.50
N ASN C 109 1.20 6.92 -3.43
CA ASN C 109 1.89 6.21 -4.53
C ASN C 109 1.02 5.88 -5.72
N LEU C 110 -0.27 5.67 -5.49
CA LEU C 110 -1.21 5.37 -6.56
C LEU C 110 -1.14 6.50 -7.57
N ARG C 111 -1.18 6.16 -8.85
CA ARG C 111 -1.21 7.18 -9.88
C ARG C 111 -2.59 7.16 -10.53
N PHE C 112 -3.41 8.17 -10.26
CA PHE C 112 -4.73 8.26 -10.86
C PHE C 112 -4.69 9.18 -12.09
N GLN C 113 -5.69 9.07 -12.96
CA GLN C 113 -5.79 9.94 -14.13
C GLN C 113 -5.97 11.40 -13.70
N LYS C 114 -5.33 12.32 -14.42
CA LYS C 114 -5.47 13.75 -14.13
C LYS C 114 -6.93 14.19 -14.26
N GLY C 115 -7.35 15.12 -13.41
CA GLY C 115 -8.73 15.59 -13.42
C GLY C 115 -9.71 14.67 -12.71
N SER C 116 -9.25 13.48 -12.35
CA SER C 116 -10.10 12.49 -11.70
C SER C 116 -10.62 12.96 -10.33
N VAL C 117 -11.62 12.27 -9.80
CA VAL C 117 -12.06 12.50 -8.44
C VAL C 117 -10.93 12.08 -7.52
N ASP C 118 -10.43 10.87 -7.74
CA ASP C 118 -9.30 10.30 -7.00
C ASP C 118 -8.04 11.17 -7.04
N HIS C 119 -7.75 11.78 -8.18
CA HIS C 119 -6.56 12.60 -8.34
C HIS C 119 -6.67 13.91 -7.57
N GLU C 120 -7.83 14.53 -7.64
CA GLU C 120 -8.06 15.78 -6.94
C GLU C 120 -7.98 15.56 -5.43
N LEU C 121 -8.65 14.52 -4.96
CA LEU C 121 -8.60 14.16 -3.55
C LEU C 121 -7.17 13.95 -3.09
N GLN C 122 -6.35 13.31 -3.93
CA GLN C 122 -4.96 13.04 -3.60
C GLN C 122 -4.16 14.33 -3.44
N GLN C 123 -4.33 15.25 -4.38
CA GLN C 123 -3.70 16.57 -4.31
C GLN C 123 -4.07 17.29 -3.01
N ILE C 124 -5.34 17.20 -2.62
CA ILE C 124 -5.87 17.85 -1.43
C ILE C 124 -5.28 17.26 -0.16
N ILE C 125 -5.14 15.95 -0.15
CA ILE C 125 -4.64 15.23 1.00
C ILE C 125 -3.12 15.42 1.15
N ARG C 126 -2.44 15.54 0.00
CA ARG C 126 -1.01 15.84 -0.04
C ARG C 126 -0.70 17.25 0.49
N ASP C 127 -1.47 18.26 0.08
CA ASP C 127 -1.34 19.61 0.63
C ASP C 127 -1.60 19.69 2.15
N ASN C 128 -2.57 18.91 2.63
CA ASN C 128 -2.79 18.82 4.07
C ASN C 128 -1.58 18.23 4.77
N LEU C 129 -1.06 17.16 4.21
CA LEU C 129 0.15 16.53 4.75
C LEU C 129 1.30 17.55 4.80
N TYR C 130 1.40 18.39 3.78
CA TYR C 130 2.49 19.36 3.69
C TYR C 130 2.39 20.52 4.67
N LEU C 131 1.18 20.86 5.13
CA LEU C 131 0.99 21.95 6.11
C LEU C 131 1.63 21.61 7.43
N ARG C 132 1.68 20.31 7.72
CA ARG C 132 2.12 19.86 9.04
C ARG C 132 3.49 19.17 9.03
N THR C 133 4.23 19.23 7.92
CA THR C 133 5.51 18.51 7.84
C THR C 133 6.62 19.30 7.16
N VAL C 134 7.86 18.94 7.54
CA VAL C 134 9.07 19.48 6.93
C VAL C 134 9.77 18.37 6.18
N PRO C 135 10.03 18.60 4.89
CA PRO C 135 10.64 17.51 4.13
C PRO C 135 12.08 17.27 4.56
N CYS C 136 12.61 16.09 4.28
CA CYS C 136 14.01 15.82 4.49
C CYS C 136 14.71 15.62 3.15
N THR C 137 16.02 15.83 3.15
CA THR C 137 16.78 15.64 1.94
C THR C 137 18.22 15.29 2.27
N THR C 138 18.94 14.78 1.29
CA THR C 138 20.32 14.39 1.50
C THR C 138 21.26 15.36 0.76
N ARG C 139 20.69 16.22 -0.07
CA ARG C 139 21.48 17.21 -0.85
C ARG C 139 21.98 18.28 0.10
N PRO C 140 23.17 18.90 -0.12
CA PRO C 140 23.69 19.82 0.89
C PRO C 140 22.81 21.05 1.06
N HIS C 141 22.82 21.62 2.27
CA HIS C 141 22.19 22.91 2.56
C HIS C 141 22.61 23.99 1.54
N LYS C 142 21.64 24.72 1.01
CA LYS C 142 21.92 25.81 0.07
C LYS C 142 21.74 27.16 0.79
N GLU C 143 22.39 28.22 0.29
CA GLU C 143 22.30 29.52 0.91
C GLU C 143 20.87 30.02 0.84
N GLY C 144 20.37 30.55 1.96
CA GLY C 144 19.01 31.06 2.00
C GLY C 144 18.04 30.17 2.77
N GLU C 145 18.43 28.92 2.98
CA GLU C 145 17.57 27.91 3.59
C GLU C 145 17.78 27.79 5.09
N VAL C 146 16.67 27.72 5.82
CA VAL C 146 16.72 27.46 7.24
C VAL C 146 16.55 25.96 7.48
N PRO C 147 17.54 25.32 8.09
CA PRO C 147 17.35 23.90 8.45
C PRO C 147 16.25 23.75 9.50
N GLY C 148 15.44 22.69 9.39
CA GLY C 148 14.34 22.48 10.33
C GLY C 148 13.05 23.15 9.88
N VAL C 149 13.16 24.04 8.89
CA VAL C 149 12.01 24.78 8.38
C VAL C 149 11.82 24.50 6.90
N ASP C 150 12.86 24.69 6.10
CA ASP C 150 12.78 24.36 4.67
C ASP C 150 13.06 22.87 4.42
N TYR C 151 14.04 22.35 5.14
CA TYR C 151 14.40 20.94 5.00
C TYR C 151 15.17 20.44 6.21
N ILE C 152 14.93 19.20 6.59
CA ILE C 152 15.77 18.56 7.58
C ILE C 152 16.88 17.97 6.71
N PHE C 153 18.12 18.36 6.97
CA PHE C 153 19.23 17.94 6.14
C PHE C 153 19.87 16.73 6.79
N ILE C 154 19.78 15.58 6.12
CA ILE C 154 20.30 14.35 6.67
C ILE C 154 21.25 13.65 5.71
N THR C 155 21.95 12.66 6.22
CA THR C 155 22.81 11.81 5.39
C THR C 155 21.99 10.71 4.71
N VAL C 156 22.57 10.16 3.65
CA VAL C 156 21.94 9.06 2.93
C VAL C 156 21.64 7.91 3.90
N GLU C 157 22.60 7.59 4.74
CA GLU C 157 22.44 6.44 5.65
C GLU C 157 21.31 6.67 6.64
N GLU C 158 21.07 7.94 6.98
CA GLU C 158 19.94 8.31 7.84
C GLU C 158 18.64 8.24 7.06
N PHE C 159 18.67 8.76 5.83
CA PHE C 159 17.51 8.69 4.97
C PHE C 159 17.10 7.22 4.82
N MET C 160 18.08 6.35 4.60
CA MET C 160 17.81 4.91 4.43
C MET C 160 17.16 4.29 5.66
N GLU C 161 17.63 4.70 6.84
CA GLU C 161 17.08 4.14 8.07
C GLU C 161 15.65 4.66 8.31
N LEU C 162 15.38 5.90 7.91
CA LEU C 162 14.03 6.47 7.99
C LEU C 162 13.14 5.68 7.05
N GLU C 163 13.70 5.36 5.90
CA GLU C 163 13.02 4.60 4.85
C GLU C 163 12.57 3.22 5.36
N LYS C 164 13.54 2.37 5.70
CA LYS C 164 13.28 1.05 6.30
C LYS C 164 12.35 1.16 7.51
N SER C 165 12.51 2.20 8.32
CA SER C 165 11.73 2.34 9.56
C SER C 165 10.24 2.61 9.35
N GLY C 166 9.84 2.94 8.12
CA GLY C 166 8.45 3.26 7.85
C GLY C 166 8.04 4.68 8.19
N ALA C 167 9.02 5.55 8.48
CA ALA C 167 8.75 6.94 8.86
C ALA C 167 8.42 7.87 7.70
N LEU C 168 8.83 7.49 6.48
CA LEU C 168 8.59 8.34 5.32
C LEU C 168 7.25 8.03 4.62
N LEU C 169 6.48 9.09 4.34
CA LEU C 169 5.20 8.95 3.65
C LEU C 169 5.34 9.20 2.15
N GLU C 170 6.44 9.86 1.78
CA GLU C 170 6.84 10.06 0.39
C GLU C 170 8.36 10.00 0.40
N SER C 171 8.93 9.55 -0.72
CA SER C 171 10.38 9.48 -0.84
C SER C 171 10.76 9.28 -2.28
N GLY C 172 11.93 9.81 -2.66
CA GLY C 172 12.38 9.69 -4.03
C GLY C 172 13.75 10.27 -4.28
N THR C 173 14.21 10.16 -5.51
CA THR C 173 15.49 10.69 -5.86
C THR C 173 15.34 11.72 -6.96
N TYR C 174 16.28 12.67 -6.99
CA TYR C 174 16.32 13.73 -8.02
C TYR C 174 17.75 14.27 -8.03
N GLU C 175 18.43 14.14 -9.17
CA GLU C 175 19.81 14.61 -9.33
C GLU C 175 20.75 14.02 -8.29
N ASP C 176 20.61 12.70 -8.10
CA ASP C 176 21.48 11.89 -7.25
C ASP C 176 21.25 12.09 -5.75
N ASN C 177 20.07 12.58 -5.38
CA ASN C 177 19.79 12.82 -3.98
C ASN C 177 18.40 12.38 -3.58
N TYR C 178 18.26 12.03 -2.30
CA TYR C 178 17.01 11.56 -1.75
C TYR C 178 16.19 12.69 -1.15
N TYR C 179 14.88 12.64 -1.38
CA TYR C 179 13.94 13.62 -0.82
C TYR C 179 12.77 12.83 -0.24
N GLY C 180 12.23 13.22 0.91
CA GLY C 180 11.12 12.52 1.54
C GLY C 180 10.35 13.35 2.56
N THR C 181 9.13 12.93 2.87
CA THR C 181 8.34 13.59 3.90
C THR C 181 8.19 12.64 5.07
N PRO C 182 8.79 12.96 6.22
CA PRO C 182 8.60 12.13 7.40
C PRO C 182 7.19 12.31 7.99
N LYS C 183 6.72 11.35 8.79
CA LYS C 183 5.48 11.51 9.54
C LYS C 183 5.61 12.67 10.51
N PRO C 184 4.58 13.53 10.62
CA PRO C 184 4.63 14.61 11.61
C PRO C 184 4.47 14.04 13.01
N PRO C 185 4.92 14.77 14.04
CA PRO C 185 4.71 14.31 15.42
C PRO C 185 3.23 14.41 15.80
N ALA C 186 2.78 13.64 16.80
CA ALA C 186 1.36 13.64 17.19
C ALA C 186 0.79 15.02 17.59
N GLU C 187 1.57 15.79 18.34
CA GLU C 187 1.16 17.15 18.65
C GLU C 187 2.32 18.13 18.91
N ALA D 1 4.48 23.94 0.86
CA ALA D 1 5.02 24.82 -0.20
C ALA D 1 6.22 24.16 -0.83
N ARG D 2 6.07 22.89 -1.20
CA ARG D 2 7.17 22.06 -1.66
C ARG D 2 7.88 22.61 -2.89
N ARG D 3 9.19 22.40 -2.94
CA ARG D 3 10.00 22.93 -4.05
C ARG D 3 9.96 21.98 -5.25
N GLU D 4 10.22 22.50 -6.45
CA GLU D 4 10.20 21.71 -7.69
C GLU D 4 11.05 20.44 -7.55
N TYR D 6 11.80 18.67 -4.96
CA TYR D 6 11.12 17.66 -4.12
C TYR D 6 10.01 16.98 -4.91
N LEU D 7 9.18 17.77 -5.61
CA LEU D 7 8.00 17.22 -6.32
C LEU D 7 8.43 16.31 -7.48
N LYS D 8 9.46 16.70 -8.23
CA LYS D 8 9.96 15.84 -9.33
C LYS D 8 10.55 14.56 -8.76
N ALA D 9 11.15 14.62 -7.57
CA ALA D 9 11.79 13.44 -6.95
C ALA D 9 10.77 12.47 -6.41
N THR D 10 9.65 12.98 -5.93
CA THR D 10 8.71 12.12 -5.23
C THR D 10 7.42 11.84 -6.01
N GLN D 11 7.27 12.45 -7.18
CA GLN D 11 6.06 12.31 -7.97
C GLN D 11 6.33 12.50 -9.47
N PRO D 12 5.76 11.62 -10.31
CA PRO D 12 5.70 12.01 -11.74
C PRO D 12 4.51 12.94 -12.01
#